data_2PLX
#
_entry.id   2PLX
#
_cell.length_a   113.558
_cell.length_b   41.521
_cell.length_c   51.189
_cell.angle_alpha   90.000
_cell.angle_beta   90.000
_cell.angle_gamma   90.000
#
_symmetry.space_group_name_H-M   'P 21 21 2'
#
loop_
_entity.id
_entity.type
_entity.pdbx_description
1 polymer 'Cationic trypsin'
2 polymer 'Peptide Inhibitor'
3 non-polymer 'CALCIUM ION'
4 non-polymer 'CITRATE ANION'
5 non-polymer GLYCEROL
6 water water
#
loop_
_entity_poly.entity_id
_entity_poly.type
_entity_poly.pdbx_seq_one_letter_code
_entity_poly.pdbx_strand_id
1 'polypeptide(L)'
;IVGGYTCGANTVPYQVSLNSGYHFCGGSLINSQWVVSAAHCYKSGIQVRLGEDNINVVEGNEQFISASKSIVHPSYNSNT
LNNDIMLIKLKSAASLNSRVASISLPTSCASAGTQCLISGWGNTKSSGTSYPDVLKCLKAPILSDSSCKSAYPGQITSNM
FCAGYLEGGKDSCQGDSGGPVVCSGKLQGIVSWGSGCAQKNKPGVYTKVCNYVSWIKQTIASN
;
A
2 'polypeptide(L)' QCKVMCYAQRHSSPELLRRCLDNCEK B
#
loop_
_chem_comp.id
_chem_comp.type
_chem_comp.name
_chem_comp.formula
CA non-polymer 'CALCIUM ION' 'Ca 2'
FLC non-polymer 'CITRATE ANION' 'C6 H5 O7 -3'
GOL non-polymer GLYCEROL 'C3 H8 O3'
#
# COMPACT_ATOMS: atom_id res chain seq x y z
N ILE A 1 8.04 -3.35 5.99
CA ILE A 1 8.24 -2.16 6.89
C ILE A 1 9.62 -2.29 7.54
N VAL A 2 10.47 -1.25 7.39
CA VAL A 2 11.79 -1.27 7.98
C VAL A 2 11.76 -0.33 9.20
N GLY A 3 12.29 -0.81 10.32
CA GLY A 3 12.43 0.07 11.49
C GLY A 3 11.11 0.20 12.26
N GLY A 4 10.18 -0.71 11.97
CA GLY A 4 8.86 -0.70 12.64
C GLY A 4 8.76 -1.64 13.82
N TYR A 5 7.52 -2.03 14.17
CA TYR A 5 7.31 -2.91 15.30
C TYR A 5 6.16 -3.84 15.01
N THR A 6 6.11 -4.96 15.70
CA THR A 6 5.02 -5.91 15.51
C THR A 6 3.72 -5.25 15.98
N CYS A 7 2.75 -5.15 15.06
CA CYS A 7 1.48 -4.46 15.37
C CYS A 7 0.74 -5.18 16.49
N GLY A 8 0.71 -6.51 16.43
CA GLY A 8 -0.20 -7.28 17.30
C GLY A 8 -1.44 -7.68 16.50
N ALA A 9 -1.94 -8.91 16.76
CA ALA A 9 -2.96 -9.47 15.88
C ALA A 9 -4.23 -8.63 15.82
N ASN A 10 -4.65 -8.26 14.59
CA ASN A 10 -5.85 -7.46 14.34
CA ASN A 10 -5.93 -7.55 14.42
C ASN A 10 -5.91 -6.10 15.01
N THR A 11 -4.76 -5.51 15.30
CA THR A 11 -4.78 -4.13 15.82
C THR A 11 -4.93 -3.13 14.62
N VAL A 12 -4.80 -3.67 13.42
CA VAL A 12 -4.95 -2.86 12.18
C VAL A 12 -6.02 -3.61 11.37
N PRO A 13 -7.30 -3.55 11.83
CA PRO A 13 -8.25 -4.51 11.33
C PRO A 13 -8.67 -4.33 9.88
N TYR A 14 -8.34 -3.17 9.28
CA TYR A 14 -8.65 -2.92 7.85
C TYR A 14 -7.52 -3.34 6.93
N GLN A 15 -6.39 -3.78 7.50
CA GLN A 15 -5.28 -4.23 6.64
C GLN A 15 -5.60 -5.57 5.94
N VAL A 16 -5.31 -5.67 4.64
CA VAL A 16 -5.41 -6.97 3.95
C VAL A 16 -4.11 -7.35 3.29
N SER A 17 -3.96 -8.65 3.03
CA SER A 17 -2.84 -9.16 2.29
C SER A 17 -3.41 -9.59 0.93
N LEU A 18 -2.76 -9.19 -0.18
CA LEU A 18 -3.14 -9.69 -1.52
C LEU A 18 -2.19 -10.84 -1.83
N ASN A 19 -2.77 -11.99 -2.17
CA ASN A 19 -2.00 -13.22 -2.28
C ASN A 19 -2.31 -13.87 -3.61
N SER A 20 -1.27 -14.03 -4.43
N SER A 20 -1.29 -14.21 -4.40
CA SER A 20 -1.35 -14.56 -5.82
CA SER A 20 -1.55 -15.00 -5.61
C SER A 20 -0.04 -15.32 -5.99
C SER A 20 -0.77 -16.30 -5.48
N GLY A 21 -0.02 -16.51 -5.40
N GLY A 21 -0.88 -16.91 -4.30
CA GLY A 21 1.16 -17.36 -5.35
CA GLY A 21 -0.01 -18.02 -3.96
C GLY A 21 2.03 -17.16 -4.12
C GLY A 21 1.09 -17.56 -3.00
N TYR A 22 1.59 -16.31 -3.17
CA TYR A 22 2.49 -15.69 -2.16
C TYR A 22 1.89 -14.33 -1.82
N HIS A 23 2.22 -13.79 -0.66
CA HIS A 23 1.85 -12.38 -0.39
C HIS A 23 2.70 -11.46 -1.23
N PHE A 24 2.09 -10.46 -1.88
CA PHE A 24 2.94 -9.58 -2.76
C PHE A 24 2.61 -8.10 -2.62
N CYS A 25 1.44 -7.82 -2.03
CA CYS A 25 0.97 -6.43 -1.85
C CYS A 25 -0.03 -6.40 -0.70
N GLY A 26 -0.21 -5.21 -0.15
CA GLY A 26 -1.20 -4.99 0.91
C GLY A 26 -2.42 -4.32 0.28
N GLY A 27 -3.42 -4.00 1.12
CA GLY A 27 -4.57 -3.22 0.66
C GLY A 27 -5.32 -2.82 1.92
N SER A 28 -6.38 -2.02 1.77
CA SER A 28 -7.13 -1.55 2.90
C SER A 28 -8.60 -1.79 2.59
N LEU A 29 -9.31 -2.36 3.55
CA LEU A 29 -10.75 -2.64 3.35
C LEU A 29 -11.55 -1.37 3.53
N ILE A 30 -12.31 -0.96 2.51
CA ILE A 30 -13.05 0.28 2.72
C ILE A 30 -14.56 0.08 2.88
N ASN A 31 -15.03 -1.09 2.52
CA ASN A 31 -16.35 -1.56 3.00
C ASN A 31 -16.39 -3.07 2.91
N SER A 32 -17.50 -3.71 3.27
CA SER A 32 -17.45 -5.19 3.36
C SER A 32 -17.11 -5.89 2.02
N GLN A 33 -17.21 -5.18 0.88
CA GLN A 33 -16.96 -5.82 -0.43
C GLN A 33 -15.81 -5.24 -1.26
N TRP A 34 -15.15 -4.21 -0.74
CA TRP A 34 -14.18 -3.46 -1.56
C TRP A 34 -12.89 -3.14 -0.81
N VAL A 35 -11.80 -3.31 -1.55
CA VAL A 35 -10.47 -3.06 -1.00
C VAL A 35 -9.77 -2.08 -1.89
N VAL A 36 -9.08 -1.09 -1.31
CA VAL A 36 -8.21 -0.18 -2.04
CA VAL A 36 -8.25 -0.26 -2.14
C VAL A 36 -6.77 -0.69 -2.05
N SER A 37 -6.09 -0.59 -3.18
CA SER A 37 -4.67 -1.00 -3.23
C SER A 37 -3.98 -0.11 -4.27
N ALA A 38 -2.77 -0.50 -4.65
CA ALA A 38 -2.01 0.25 -5.65
C ALA A 38 -2.26 -0.37 -7.03
N ALA A 39 -2.32 0.49 -8.06
CA ALA A 39 -2.53 0.04 -9.43
C ALA A 39 -1.41 -0.89 -9.86
N HIS A 40 -0.19 -0.63 -9.35
CA HIS A 40 0.95 -1.46 -9.83
C HIS A 40 0.90 -2.86 -9.23
N CYS A 41 -0.05 -3.09 -8.32
CA CYS A 41 -0.24 -4.43 -7.77
C CYS A 41 -1.18 -5.31 -8.65
N TYR A 42 -1.70 -4.74 -9.72
CA TYR A 42 -2.64 -5.49 -10.54
C TYR A 42 -2.03 -6.80 -11.04
N LYS A 43 -2.77 -7.87 -10.84
CA LYS A 43 -2.48 -9.09 -11.56
C LYS A 43 -3.60 -10.06 -11.40
N SER A 44 -3.48 -11.13 -12.17
CA SER A 44 -4.52 -12.12 -12.21
C SER A 44 -4.54 -12.98 -10.95
N GLY A 45 -5.70 -13.52 -10.65
CA GLY A 45 -5.83 -14.51 -9.60
C GLY A 45 -5.52 -13.98 -8.21
N ILE A 46 -5.97 -12.76 -7.90
CA ILE A 46 -5.74 -12.22 -6.56
C ILE A 46 -6.75 -12.82 -5.57
N GLN A 47 -6.23 -13.32 -4.46
CA GLN A 47 -7.05 -13.68 -3.30
C GLN A 47 -6.77 -12.62 -2.22
N VAL A 48 -7.84 -12.11 -1.61
CA VAL A 48 -7.73 -11.15 -0.53
C VAL A 48 -7.81 -11.87 0.80
N ARG A 49 -6.83 -11.61 1.66
CA ARG A 49 -6.76 -12.24 2.97
C ARG A 49 -7.00 -11.16 4.02
N LEU A 50 -8.19 -11.22 4.63
CA LEU A 50 -8.59 -10.28 5.67
C LEU A 50 -8.43 -10.93 7.02
N GLY A 51 -8.33 -10.12 8.07
CA GLY A 51 -8.19 -10.64 9.43
C GLY A 51 -6.88 -11.37 9.61
N GLU A 52 -5.90 -11.09 8.74
CA GLU A 52 -4.64 -11.82 8.76
C GLU A 52 -3.66 -11.23 9.76
N ASP A 53 -2.80 -12.08 10.31
CA ASP A 53 -1.66 -11.55 11.11
C ASP A 53 -0.41 -12.33 10.72
N ASN A 54 -0.42 -13.65 10.96
CA ASN A 54 0.71 -14.49 10.56
C ASN A 54 0.36 -15.10 9.20
N ILE A 55 1.03 -14.62 8.17
CA ILE A 55 0.65 -15.03 6.79
C ILE A 55 0.89 -16.48 6.51
N ASN A 56 1.66 -17.17 7.36
CA ASN A 56 1.98 -18.57 7.07
C ASN A 56 1.20 -19.60 7.92
N VAL A 57 0.40 -19.14 8.90
CA VAL A 57 -0.25 -20.04 9.85
C VAL A 57 -1.69 -19.60 10.05
N VAL A 58 -2.65 -20.44 9.70
CA VAL A 58 -4.06 -20.10 9.98
C VAL A 58 -4.28 -20.31 11.45
N GLU A 59 -4.78 -19.25 12.12
CA GLU A 59 -4.91 -19.42 13.58
C GLU A 59 -6.19 -18.82 14.18
N GLY A 60 -6.99 -18.21 13.32
CA GLY A 60 -8.27 -17.62 13.75
C GLY A 60 -8.39 -16.19 13.22
N ASN A 61 -9.60 -15.84 12.82
CA ASN A 61 -9.97 -14.51 12.34
C ASN A 61 -9.68 -14.27 10.87
N GLU A 62 -8.95 -15.18 10.22
CA GLU A 62 -8.68 -14.97 8.79
C GLU A 62 -9.97 -15.20 7.96
N GLN A 63 -10.14 -14.37 6.94
CA GLN A 63 -11.12 -14.64 5.87
C GLN A 63 -10.38 -14.57 4.55
N PHE A 64 -10.44 -15.68 3.81
CA PHE A 64 -9.81 -15.75 2.49
C PHE A 64 -10.87 -15.71 1.41
N ILE A 65 -10.87 -14.62 0.63
CA ILE A 65 -11.92 -14.36 -0.35
C ILE A 65 -11.31 -13.96 -1.70
N SER A 66 -11.72 -14.64 -2.77
CA SER A 66 -11.19 -14.31 -4.10
C SER A 66 -11.66 -12.93 -4.51
N ALA A 67 -10.79 -12.20 -5.22
CA ALA A 67 -11.20 -10.99 -5.92
C ALA A 67 -12.08 -11.36 -7.08
N SER A 68 -13.14 -10.60 -7.27
CA SER A 68 -13.92 -10.80 -8.47
C SER A 68 -13.64 -9.78 -9.54
N LYS A 69 -13.17 -8.58 -9.16
CA LYS A 69 -12.87 -7.50 -10.14
C LYS A 69 -11.72 -6.72 -9.61
N SER A 70 -10.82 -6.24 -10.49
CA SER A 70 -9.74 -5.32 -10.05
C SER A 70 -9.78 -4.18 -11.01
N ILE A 71 -10.12 -2.99 -10.51
CA ILE A 71 -10.40 -1.83 -11.37
C ILE A 71 -9.27 -0.80 -11.12
N VAL A 72 -8.37 -0.71 -12.08
CA VAL A 72 -7.21 0.22 -12.00
C VAL A 72 -7.68 1.63 -12.42
N HIS A 73 -7.16 2.68 -11.77
CA HIS A 73 -7.59 4.04 -12.11
C HIS A 73 -7.37 4.28 -13.63
N PRO A 74 -8.34 4.87 -14.35
CA PRO A 74 -8.19 4.98 -15.83
C PRO A 74 -6.99 5.86 -16.23
N SER A 75 -6.51 6.69 -15.32
CA SER A 75 -5.36 7.57 -15.59
C SER A 75 -4.03 7.04 -15.03
N TYR A 76 -4.03 5.81 -14.53
CA TYR A 76 -2.80 5.26 -14.00
C TYR A 76 -1.73 5.30 -15.07
N ASN A 77 -0.54 5.77 -14.70
CA ASN A 77 0.57 5.85 -15.68
C ASN A 77 1.66 4.97 -15.10
N SER A 78 1.93 3.85 -15.73
CA SER A 78 2.88 2.87 -15.15
C SER A 78 4.31 3.33 -15.20
N ASN A 79 4.60 4.33 -16.03
CA ASN A 79 5.96 4.87 -16.20
C ASN A 79 6.33 5.80 -15.04
N THR A 80 5.36 6.58 -14.58
CA THR A 80 5.61 7.61 -13.56
C THR A 80 4.96 7.27 -12.20
N LEU A 81 4.07 6.27 -12.21
CA LEU A 81 3.24 5.86 -11.09
C LEU A 81 2.24 6.94 -10.66
N ASN A 82 1.94 7.87 -11.56
CA ASN A 82 0.89 8.85 -11.29
C ASN A 82 -0.45 8.09 -11.24
N ASN A 83 -1.34 8.44 -10.28
CA ASN A 83 -2.65 7.80 -10.11
C ASN A 83 -2.53 6.28 -9.78
N ASP A 84 -1.61 5.96 -8.87
CA ASP A 84 -1.31 4.57 -8.53
C ASP A 84 -2.36 4.10 -7.48
N ILE A 85 -3.56 3.81 -7.99
CA ILE A 85 -4.64 3.37 -7.12
C ILE A 85 -5.53 2.38 -7.89
N MET A 86 -6.06 1.38 -7.17
CA MET A 86 -6.88 0.32 -7.80
C MET A 86 -7.91 -0.08 -6.77
N LEU A 87 -9.14 -0.42 -7.22
CA LEU A 87 -10.15 -0.95 -6.29
C LEU A 87 -10.36 -2.42 -6.62
N ILE A 88 -10.44 -3.25 -5.60
CA ILE A 88 -10.70 -4.66 -5.78
C ILE A 88 -12.04 -5.01 -5.16
N LYS A 89 -12.91 -5.65 -5.93
CA LYS A 89 -14.20 -6.11 -5.39
C LYS A 89 -14.05 -7.56 -4.96
N LEU A 90 -14.56 -7.87 -3.78
CA LEU A 90 -14.56 -9.24 -3.30
C LEU A 90 -15.69 -10.09 -3.90
N LYS A 91 -15.39 -11.37 -4.13
CA LYS A 91 -16.44 -12.23 -4.69
C LYS A 91 -17.66 -12.40 -3.73
N SER A 92 -17.40 -12.40 -2.43
CA SER A 92 -18.45 -12.38 -1.40
CA SER A 92 -18.45 -12.35 -1.42
C SER A 92 -18.09 -11.30 -0.36
N ALA A 93 -19.10 -10.74 0.31
CA ALA A 93 -18.82 -9.74 1.36
C ALA A 93 -18.06 -10.33 2.53
N ALA A 94 -17.13 -9.55 3.07
CA ALA A 94 -16.43 -9.95 4.29
C ALA A 94 -17.41 -9.86 5.42
N SER A 95 -17.17 -10.64 6.46
CA SER A 95 -17.96 -10.52 7.66
CA SER A 95 -17.93 -10.55 7.68
C SER A 95 -17.27 -9.54 8.61
N LEU A 96 -17.98 -8.46 8.96
CA LEU A 96 -17.42 -7.53 9.94
C LEU A 96 -17.92 -7.70 11.36
N ASN A 97 -18.67 -8.73 11.65
CA ASN A 97 -18.98 -9.01 13.05
C ASN A 97 -17.84 -9.82 13.63
N SER A 98 -16.71 -9.17 13.88
CA SER A 98 -15.43 -9.85 13.81
C SER A 98 -14.28 -8.97 14.27
N ARG A 99 -13.07 -9.43 13.98
CA ARG A 99 -11.90 -8.60 14.20
C ARG A 99 -11.69 -7.55 13.09
N VAL A 100 -12.08 -7.92 11.88
CA VAL A 100 -12.04 -7.12 10.64
C VAL A 100 -12.99 -5.92 10.67
N ALA A 101 -12.51 -4.77 10.22
CA ALA A 101 -13.40 -3.63 9.97
C ALA A 101 -12.86 -2.77 8.84
N SER A 102 -13.68 -1.85 8.35
CA SER A 102 -13.24 -0.96 7.26
CA SER A 102 -13.28 -0.93 7.26
C SER A 102 -12.53 0.29 7.79
N ILE A 103 -11.85 0.98 6.89
CA ILE A 103 -11.20 2.26 7.27
C ILE A 103 -11.91 3.38 6.53
N SER A 104 -12.18 4.48 7.24
CA SER A 104 -12.85 5.63 6.62
C SER A 104 -12.05 6.31 5.56
N LEU A 105 -12.75 6.84 4.54
CA LEU A 105 -12.05 7.68 3.58
C LEU A 105 -11.80 9.08 4.18
N PRO A 106 -10.83 9.81 3.63
CA PRO A 106 -10.61 11.14 4.18
C PRO A 106 -11.69 12.15 3.88
N THR A 107 -11.84 13.10 4.81
CA THR A 107 -12.74 14.24 4.60
C THR A 107 -12.00 15.50 4.10
N SER A 108 -10.68 15.46 4.11
CA SER A 108 -9.81 16.52 3.58
C SER A 108 -8.40 15.89 3.46
N CYS A 109 -7.49 16.56 2.77
CA CYS A 109 -6.12 16.01 2.64
C CYS A 109 -5.37 16.33 3.91
N ALA A 110 -4.47 15.45 4.35
CA ALA A 110 -3.75 15.69 5.61
C ALA A 110 -2.64 16.73 5.43
N SER A 111 -2.18 17.26 6.55
CA SER A 111 -1.16 18.30 6.55
C SER A 111 0.23 17.76 6.90
N ALA A 112 1.26 18.48 6.47
CA ALA A 112 2.65 18.14 6.82
C ALA A 112 2.80 18.14 8.32
N GLY A 113 3.51 17.13 8.82
CA GLY A 113 3.75 17.00 10.23
C GLY A 113 2.83 15.99 10.88
N THR A 114 1.67 15.73 10.28
CA THR A 114 0.70 14.81 10.86
C THR A 114 1.28 13.41 10.94
N GLN A 115 1.12 12.75 12.10
CA GLN A 115 1.68 11.45 12.29
C GLN A 115 0.65 10.41 11.81
N CYS A 116 1.12 9.43 11.06
CA CYS A 116 0.29 8.37 10.45
C CYS A 116 0.80 7.01 10.80
N LEU A 117 -0.07 6.01 10.62
CA LEU A 117 0.30 4.60 10.85
C LEU A 117 0.39 3.92 9.47
N ILE A 118 1.55 3.34 9.19
CA ILE A 118 1.82 2.63 7.92
C ILE A 118 2.05 1.17 8.32
N SER A 119 1.53 0.18 7.57
CA SER A 119 1.60 -1.20 8.05
C SER A 119 1.73 -2.14 6.83
N GLY A 120 2.28 -3.34 7.04
CA GLY A 120 2.40 -4.28 5.95
C GLY A 120 3.26 -5.48 6.30
N TRP A 121 3.34 -6.44 5.38
CA TRP A 121 4.18 -7.65 5.56
C TRP A 121 5.39 -7.56 4.60
N GLY A 122 5.78 -6.34 4.24
CA GLY A 122 6.91 -6.20 3.34
C GLY A 122 8.25 -6.38 4.05
N ASN A 123 9.30 -6.24 3.25
CA ASN A 123 10.67 -6.51 3.73
C ASN A 123 10.94 -5.65 4.98
N THR A 124 11.64 -6.21 5.94
CA THR A 124 11.99 -5.51 7.19
C THR A 124 13.45 -5.12 7.24
N LYS A 125 14.21 -5.42 6.18
CA LYS A 125 15.63 -5.02 6.18
C LYS A 125 15.92 -3.87 5.24
N SER A 126 16.77 -2.96 5.72
CA SER A 126 17.06 -1.73 4.99
C SER A 126 18.04 -1.99 3.86
N SER A 127 18.71 -3.14 3.93
CA SER A 127 19.32 -3.78 2.75
C SER A 127 19.50 -5.25 3.04
N GLY A 128 19.61 -6.06 1.99
CA GLY A 128 19.17 -7.46 2.11
C GLY A 128 17.64 -7.58 2.14
N THR A 129 17.16 -8.80 2.33
N THR A 129 17.15 -8.80 2.38
CA THR A 129 15.72 -9.02 2.36
CA THR A 129 15.73 -9.15 2.22
C THR A 129 15.35 -10.00 3.47
C THR A 129 15.18 -10.14 3.29
N SER A 130 14.23 -9.69 4.13
CA SER A 130 13.67 -10.53 5.15
C SER A 130 12.20 -10.25 5.27
N TYR A 131 11.37 -11.21 4.90
CA TYR A 131 9.93 -10.96 4.93
C TYR A 131 9.39 -11.56 6.23
N PRO A 132 8.64 -10.76 6.99
CA PRO A 132 8.17 -11.18 8.31
C PRO A 132 6.96 -12.10 8.20
N ASP A 133 6.76 -12.91 9.25
CA ASP A 133 5.59 -13.76 9.33
C ASP A 133 4.37 -12.93 9.71
N VAL A 134 4.56 -11.98 10.63
CA VAL A 134 3.45 -11.22 11.21
C VAL A 134 3.46 -9.75 10.80
N LEU A 135 2.29 -9.14 10.91
CA LEU A 135 2.11 -7.76 10.41
C LEU A 135 2.97 -6.74 11.20
N LYS A 136 3.64 -5.86 10.44
CA LYS A 136 4.50 -4.82 11.04
C LYS A 136 3.84 -3.45 10.88
N CYS A 137 4.20 -2.54 11.78
CA CYS A 137 3.63 -1.19 11.87
C CYS A 137 4.73 -0.16 12.02
N LEU A 138 4.45 1.06 11.60
CA LEU A 138 5.41 2.15 11.71
C LEU A 138 4.62 3.46 11.86
N LYS A 139 4.99 4.30 12.83
CA LYS A 139 4.43 5.64 12.89
C LYS A 139 5.39 6.58 12.16
N ALA A 140 4.83 7.41 11.28
CA ALA A 140 5.67 8.25 10.39
C ALA A 140 4.90 9.49 10.05
N PRO A 141 5.59 10.65 10.02
CA PRO A 141 4.90 11.90 9.68
C PRO A 141 4.85 12.15 8.17
N ILE A 142 3.81 12.87 7.78
CA ILE A 142 3.70 13.39 6.42
C ILE A 142 4.80 14.46 6.29
N LEU A 143 5.56 14.41 5.20
CA LEU A 143 6.58 15.44 4.97
C LEU A 143 6.06 16.59 4.07
N SER A 144 6.72 17.74 4.16
CA SER A 144 6.33 18.91 3.38
C SER A 144 6.53 18.59 1.89
N ASP A 145 5.70 19.21 1.05
CA ASP A 145 5.88 19.18 -0.42
CA ASP A 145 5.88 19.13 -0.41
C ASP A 145 7.32 19.48 -0.84
N SER A 146 7.88 20.55 -0.26
CA SER A 146 9.22 20.96 -0.70
C SER A 146 10.27 19.88 -0.38
N SER A 147 10.19 19.30 0.81
CA SER A 147 11.17 18.25 1.14
CA SER A 147 11.12 18.21 1.19
C SER A 147 10.94 17.01 0.28
N CYS A 148 9.68 16.72 -0.05
CA CYS A 148 9.36 15.60 -0.93
C CYS A 148 9.96 15.86 -2.30
N LYS A 149 9.76 17.07 -2.82
CA LYS A 149 10.23 17.39 -4.20
C LYS A 149 11.74 17.47 -4.24
N SER A 150 12.36 17.77 -3.11
CA SER A 150 13.80 17.87 -3.04
CA SER A 150 13.79 17.88 -3.08
C SER A 150 14.42 16.47 -3.05
N ALA A 151 13.69 15.51 -2.45
CA ALA A 151 14.15 14.15 -2.38
C ALA A 151 13.95 13.45 -3.74
N TYR A 152 12.91 13.87 -4.48
CA TYR A 152 12.50 13.20 -5.73
C TYR A 152 12.26 14.21 -6.81
N PRO A 153 13.33 14.93 -7.22
CA PRO A 153 13.16 16.01 -8.23
C PRO A 153 12.52 15.51 -9.48
N GLY A 154 11.52 16.23 -9.96
CA GLY A 154 10.93 15.94 -11.27
C GLY A 154 9.94 14.79 -11.21
N GLN A 155 9.74 14.20 -10.02
CA GLN A 155 8.93 12.96 -9.98
C GLN A 155 7.65 12.96 -9.16
N ILE A 156 7.45 14.04 -8.39
CA ILE A 156 6.32 14.07 -7.47
C ILE A 156 5.16 14.85 -8.06
N THR A 157 4.05 14.15 -8.32
CA THR A 157 2.88 14.85 -8.84
C THR A 157 1.93 15.27 -7.71
N SER A 158 0.87 16.01 -8.08
CA SER A 158 -0.11 16.41 -7.08
C SER A 158 -0.87 15.24 -6.46
N ASN A 159 -0.68 14.04 -7.04
CA ASN A 159 -1.36 12.83 -6.53
C ASN A 159 -0.47 11.93 -5.65
N MET A 160 0.64 12.51 -5.19
CA MET A 160 1.60 11.81 -4.37
C MET A 160 1.98 12.69 -3.15
N PHE A 161 2.39 12.05 -2.05
CA PHE A 161 3.00 12.78 -0.96
C PHE A 161 4.06 11.90 -0.35
N CYS A 162 5.03 12.50 0.34
CA CYS A 162 6.07 11.71 1.03
C CYS A 162 5.71 11.60 2.52
N ALA A 163 6.10 10.47 3.15
CA ALA A 163 5.96 10.33 4.61
C ALA A 163 7.17 9.54 5.06
N GLY A 164 7.60 9.76 6.30
CA GLY A 164 8.80 9.06 6.78
C GLY A 164 9.81 10.03 7.36
N TYR A 165 11.09 9.75 7.12
CA TYR A 165 12.16 10.34 7.88
C TYR A 165 13.31 10.63 6.91
N LEU A 166 13.71 11.90 6.76
CA LEU A 166 14.85 12.19 5.88
C LEU A 166 16.17 11.58 6.40
N GLU A 167 16.24 11.28 7.70
CA GLU A 167 17.44 10.64 8.24
CA GLU A 167 17.43 10.63 8.26
C GLU A 167 17.47 9.14 7.90
N GLY A 168 16.39 8.63 7.28
CA GLY A 168 16.29 7.21 6.88
C GLY A 168 15.97 6.33 8.08
N GLY A 169 16.16 5.00 7.95
CA GLY A 169 16.09 4.07 9.08
C GLY A 169 14.70 3.51 9.30
N LYS A 170 13.67 4.27 8.92
CA LYS A 170 12.25 3.89 9.17
C LYS A 170 11.45 4.17 7.91
N ASP A 171 10.80 3.15 7.33
CA ASP A 171 10.15 3.33 6.00
C ASP A 171 9.32 2.09 5.65
N SER A 172 8.43 2.22 4.67
CA SER A 172 7.80 1.01 4.06
C SER A 172 8.81 0.46 3.02
N CYS A 173 8.51 -0.71 2.43
CA CYS A 173 9.52 -1.38 1.60
C CYS A 173 8.83 -2.40 0.73
N GLN A 174 9.57 -3.07 -0.14
CA GLN A 174 8.92 -4.07 -1.02
C GLN A 174 8.06 -5.08 -0.25
N GLY A 175 6.83 -5.25 -0.73
CA GLY A 175 5.83 -6.14 -0.09
C GLY A 175 4.76 -5.30 0.64
N ASP A 176 5.06 -4.03 0.88
CA ASP A 176 4.09 -3.11 1.52
C ASP A 176 3.13 -2.39 0.54
N SER A 177 3.51 -2.31 -0.74
CA SER A 177 2.72 -1.61 -1.75
C SER A 177 1.26 -1.95 -1.63
N GLY A 178 0.44 -0.92 -1.79
CA GLY A 178 -1.01 -1.06 -1.78
C GLY A 178 -1.60 -0.92 -0.40
N GLY A 179 -0.74 -1.05 0.61
CA GLY A 179 -1.25 -1.01 2.00
C GLY A 179 -1.50 0.41 2.50
N PRO A 180 -1.96 0.54 3.75
CA PRO A 180 -2.45 1.83 4.31
C PRO A 180 -1.44 2.78 4.86
N VAL A 181 -1.74 4.07 4.66
CA VAL A 181 -1.23 5.12 5.51
C VAL A 181 -2.47 5.79 6.13
N VAL A 182 -2.65 5.61 7.42
CA VAL A 182 -3.84 6.09 8.08
C VAL A 182 -3.43 7.19 9.07
N CYS A 183 -4.16 8.28 9.03
CA CYS A 183 -3.85 9.43 9.89
C CYS A 183 -5.14 9.79 10.59
N SER A 184 -5.12 9.72 11.92
CA SER A 184 -6.31 9.96 12.73
CA SER A 184 -6.31 9.94 12.74
C SER A 184 -7.56 9.25 12.19
N GLY A 185 -7.39 7.98 11.92
CA GLY A 185 -8.53 7.16 11.60
C GLY A 185 -9.02 7.33 10.17
N LYS A 186 -8.25 8.02 9.28
CA LYS A 186 -8.66 8.18 7.86
C LYS A 186 -7.60 7.62 6.98
N LEU A 187 -7.99 6.99 5.87
CA LEU A 187 -7.04 6.46 4.94
C LEU A 187 -6.50 7.58 4.06
N GLN A 188 -5.27 8.03 4.33
CA GLN A 188 -4.70 9.14 3.51
C GLN A 188 -3.75 8.71 2.41
N GLY A 189 -3.14 7.56 2.57
CA GLY A 189 -2.14 7.15 1.57
C GLY A 189 -2.21 5.67 1.22
N ILE A 190 -1.61 5.32 0.08
CA ILE A 190 -1.41 3.94 -0.33
C ILE A 190 0.07 3.82 -0.58
N VAL A 191 0.69 2.80 0.03
CA VAL A 191 2.12 2.53 -0.20
C VAL A 191 2.34 2.38 -1.71
N SER A 192 3.30 3.15 -2.26
CA SER A 192 3.49 3.13 -3.73
C SER A 192 4.94 2.91 -4.10
N TRP A 193 5.81 3.88 -3.80
CA TRP A 193 7.19 3.68 -4.24
C TRP A 193 8.20 4.46 -3.41
N GLY A 194 9.48 4.27 -3.74
CA GLY A 194 10.57 5.02 -3.07
C GLY A 194 11.91 4.59 -3.69
N SER A 195 12.95 5.37 -3.44
CA SER A 195 14.26 4.95 -3.89
C SER A 195 14.87 4.04 -2.84
N GLY A 196 14.98 2.75 -3.12
CA GLY A 196 15.34 1.81 -2.06
C GLY A 196 14.36 1.82 -0.90
N CYS A 197 14.84 1.47 0.31
CA CYS A 197 13.99 1.50 1.53
C CYS A 197 14.80 2.10 2.66
N ALA A 198 14.18 3.02 3.40
CA ALA A 198 14.77 3.54 4.68
C ALA A 198 16.14 4.23 4.45
N GLN A 199 16.32 4.73 3.22
CA GLN A 199 17.55 5.43 2.87
C GLN A 199 17.49 6.92 3.22
N LYS A 200 18.67 7.52 3.42
CA LYS A 200 18.76 8.94 3.73
C LYS A 200 18.19 9.75 2.58
N ASN A 201 17.37 10.73 2.96
CA ASN A 201 16.74 11.66 2.01
C ASN A 201 15.93 10.97 0.94
N LYS A 202 15.40 9.76 1.26
CA LYS A 202 14.60 9.00 0.30
CA LYS A 202 14.60 8.97 0.31
C LYS A 202 13.40 8.37 1.05
N PRO A 203 12.47 9.27 1.50
CA PRO A 203 11.29 8.73 2.15
C PRO A 203 10.34 8.02 1.20
N GLY A 204 9.36 7.34 1.78
CA GLY A 204 8.39 6.66 0.96
C GLY A 204 7.50 7.69 0.25
N VAL A 205 7.05 7.30 -0.95
CA VAL A 205 6.10 8.12 -1.73
C VAL A 205 4.80 7.31 -1.81
N TYR A 206 3.71 8.03 -1.54
CA TYR A 206 2.41 7.42 -1.30
C TYR A 206 1.37 8.10 -2.17
N THR A 207 0.44 7.28 -2.66
CA THR A 207 -0.69 7.85 -3.43
C THR A 207 -1.59 8.66 -2.53
N LYS A 208 -1.95 9.86 -2.97
CA LYS A 208 -2.68 10.81 -2.16
C LYS A 208 -4.18 10.51 -2.26
N VAL A 209 -4.66 9.68 -1.35
CA VAL A 209 -6.07 9.17 -1.43
C VAL A 209 -7.13 10.27 -1.43
N CYS A 210 -6.85 11.43 -0.77
CA CYS A 210 -7.90 12.45 -0.67
C CYS A 210 -8.28 13.01 -2.05
N ASN A 211 -7.42 12.77 -3.05
CA ASN A 211 -7.74 13.23 -4.41
C ASN A 211 -8.71 12.29 -5.14
N TYR A 212 -8.97 11.13 -4.55
CA TYR A 212 -9.70 10.09 -5.26
C TYR A 212 -11.05 9.72 -4.61
N VAL A 213 -11.49 10.49 -3.62
CA VAL A 213 -12.65 10.04 -2.83
C VAL A 213 -13.86 9.91 -3.73
N SER A 214 -14.13 10.91 -4.59
CA SER A 214 -15.29 10.79 -5.45
C SER A 214 -15.10 9.65 -6.47
N TRP A 215 -13.91 9.45 -7.02
CA TRP A 215 -13.71 8.31 -7.99
C TRP A 215 -14.01 6.98 -7.25
N ILE A 216 -13.52 6.85 -6.03
CA ILE A 216 -13.75 5.63 -5.26
C ILE A 216 -15.25 5.41 -5.06
N LYS A 217 -15.93 6.43 -4.58
CA LYS A 217 -17.35 6.24 -4.23
C LYS A 217 -18.14 5.92 -5.50
N GLN A 218 -17.80 6.57 -6.61
CA GLN A 218 -18.55 6.35 -7.85
C GLN A 218 -18.26 4.97 -8.42
N THR A 219 -17.01 4.53 -8.26
CA THR A 219 -16.64 3.21 -8.75
C THR A 219 -17.37 2.11 -7.96
N ILE A 220 -17.41 2.26 -6.65
CA ILE A 220 -18.13 1.30 -5.80
C ILE A 220 -19.60 1.31 -6.17
N ALA A 221 -20.19 2.48 -6.40
CA ALA A 221 -21.63 2.53 -6.69
C ALA A 221 -22.01 1.86 -8.03
N SER A 222 -21.07 1.89 -8.98
CA SER A 222 -21.35 1.46 -10.34
CA SER A 222 -21.37 1.45 -10.33
C SER A 222 -20.85 0.05 -10.66
N ASN A 223 -20.32 -0.65 -9.66
CA ASN A 223 -19.73 -1.98 -9.90
C ASN A 223 -20.11 -3.02 -8.89
N GLN B 1 13.85 6.56 -16.84
CA GLN B 1 14.45 5.59 -15.91
C GLN B 1 13.51 4.42 -15.65
N CYS B 2 13.23 3.68 -16.73
CA CYS B 2 12.22 2.66 -16.67
C CYS B 2 12.62 1.58 -15.66
N LYS B 3 13.86 1.09 -15.78
CA LYS B 3 14.23 -0.03 -14.89
C LYS B 3 14.33 0.43 -13.45
N VAL B 4 14.87 1.63 -13.28
CA VAL B 4 14.94 2.22 -11.94
C VAL B 4 13.51 2.24 -11.31
N MET B 5 12.49 2.68 -12.07
CA MET B 5 11.17 2.81 -11.44
C MET B 5 10.55 1.43 -11.20
N CYS B 6 10.92 0.45 -12.02
CA CYS B 6 10.45 -0.93 -11.75
C CYS B 6 10.91 -1.39 -10.37
N TYR B 7 12.16 -1.11 -10.04
CA TYR B 7 12.67 -1.44 -8.69
C TYR B 7 12.13 -0.50 -7.57
N ALA B 8 11.69 0.70 -7.94
CA ALA B 8 11.17 1.66 -6.95
C ALA B 8 9.81 1.18 -6.42
N GLN B 9 9.05 0.46 -7.25
CA GLN B 9 7.71 -0.02 -6.83
C GLN B 9 7.85 -0.92 -5.60
N ARG B 10 6.93 -0.76 -4.66
CA ARG B 10 7.05 -1.51 -3.41
C ARG B 10 6.21 -2.79 -3.30
N HIS B 11 6.00 -3.48 -4.41
CA HIS B 11 5.45 -4.83 -4.32
C HIS B 11 6.55 -5.86 -4.10
N SER B 12 6.20 -7.09 -3.76
CA SER B 12 7.20 -8.16 -3.59
C SER B 12 6.90 -9.34 -4.50
N SER B 13 6.40 -9.10 -5.73
CA SER B 13 6.19 -10.22 -6.67
C SER B 13 7.35 -10.29 -7.66
N PRO B 14 8.13 -11.40 -7.64
CA PRO B 14 9.20 -11.44 -8.64
C PRO B 14 8.62 -11.37 -10.05
N GLU B 15 7.45 -11.96 -10.27
CA GLU B 15 6.86 -11.99 -11.62
CA GLU B 15 6.78 -12.00 -11.60
C GLU B 15 6.53 -10.58 -12.08
N LEU B 16 5.99 -9.75 -11.19
CA LEU B 16 5.66 -8.39 -11.62
C LEU B 16 6.94 -7.60 -11.88
N LEU B 17 7.96 -7.84 -11.06
CA LEU B 17 9.23 -7.08 -11.24
C LEU B 17 9.88 -7.46 -12.56
N ARG B 18 9.98 -8.77 -12.81
CA ARG B 18 10.62 -9.27 -14.06
C ARG B 18 9.83 -8.83 -15.28
N ARG B 19 8.50 -8.79 -15.14
CA ARG B 19 7.65 -8.31 -16.28
C ARG B 19 7.96 -6.83 -16.56
N CYS B 20 8.04 -6.04 -15.49
CA CYS B 20 8.31 -4.60 -15.61
C CYS B 20 9.69 -4.39 -16.30
N LEU B 21 10.70 -5.13 -15.84
CA LEU B 21 12.06 -4.94 -16.35
C LEU B 21 12.14 -5.37 -17.80
N ASP B 22 11.51 -6.50 -18.13
CA ASP B 22 11.49 -6.91 -19.54
C ASP B 22 10.79 -5.93 -20.44
N ASN B 23 9.68 -5.35 -19.95
CA ASN B 23 8.91 -4.44 -20.78
C ASN B 23 9.67 -3.16 -21.05
N CYS B 24 10.57 -2.78 -20.14
CA CYS B 24 11.43 -1.62 -20.37
C CYS B 24 12.30 -1.74 -21.60
N GLU B 25 12.60 -2.97 -22.03
CA GLU B 25 13.46 -3.24 -23.20
C GLU B 25 12.67 -3.23 -24.53
N LYS B 26 11.34 -3.21 -24.43
CA LYS B 26 10.47 -3.41 -25.60
C LYS B 26 9.81 -2.11 -26.05
CA CA C . -2.81 -16.43 9.81
CAC FLC D . -7.73 19.96 9.69
CA FLC D . -8.91 19.70 10.66
CB FLC D . -10.22 19.34 9.91
CBC FLC D . -11.31 19.12 10.97
CG FLC D . -10.13 18.08 9.03
CGC FLC D . -11.46 17.70 8.33
OA1 FLC D . -7.53 21.15 9.28
OA2 FLC D . -7.05 18.93 9.40
OB1 FLC D . -11.21 18.14 11.72
OB2 FLC D . -12.23 19.95 10.97
OG1 FLC D . -12.53 18.01 8.92
OG2 FLC D . -11.39 17.08 7.25
OHB FLC D . -10.55 20.47 9.05
C1 GOL E . -3.77 6.47 13.46
O1 GOL E . -5.10 6.85 13.14
C2 GOL E . -2.93 7.58 14.10
O2 GOL E . -2.74 8.72 13.26
C3 GOL E . -1.64 6.87 14.54
O3 GOL E . -0.53 7.74 14.68
C1 GOL F . 16.27 -9.17 -12.44
O1 GOL F . 17.25 -9.63 -13.34
C2 GOL F . 15.89 -10.23 -11.42
O2 GOL F . 15.54 -11.46 -12.04
C3 GOL F . 14.73 -9.74 -10.56
O3 GOL F . 14.77 -10.43 -9.33
#